data_4JDD
#
_entry.id   4JDD
#
_cell.length_a   82.490
_cell.length_b   111.430
_cell.length_c   62.240
_cell.angle_alpha   90.000
_cell.angle_beta   90.000
_cell.angle_gamma   90.000
#
_symmetry.space_group_name_H-M   'C 2 2 21'
#
loop_
_entity.id
_entity.type
_entity.pdbx_description
1 polymer '14-3-3 protein sigma'
2 polymer 'Estrogen receptor Peptide'
3 non-polymer FUSICOCCIN
4 water water
#
loop_
_entity_poly.entity_id
_entity_poly.type
_entity_poly.pdbx_seq_one_letter_code
_entity_poly.pdbx_strand_id
1 'polypeptide(L)'
;GAMGSMERASLIQKAKLAEQAERYEDMAAFMKGAVEKGEELSCEERNLLSVAYKNVVGGQRAAWRVLSSIEQKSNEEGSE
EKGPEVREYREKVETELQGVCDTVLGLLDSHLIKEAGDAESRVFYLKMKGDYYRYLAEVATGDDKKRIIDSARSAYQEAM
DISKKEMPPTNPIRLGLALNFSVFHYEIANSPEEAISLAKTTFDEAMADLHTLSEDSYKDSTLIMQLLRDNLTLWT
;
A
2 'polypeptide(L)' TGEAEGFPA(TPO)V B
#
# COMPACT_ATOMS: atom_id res chain seq x y z
N GLY A 1 -16.51 0.07 -16.52
CA GLY A 1 -16.43 0.77 -17.83
C GLY A 1 -16.00 -0.24 -18.84
N ALA A 2 -14.75 -0.13 -19.24
CA ALA A 2 -14.23 -0.85 -20.42
C ALA A 2 -14.24 -2.34 -20.26
N MET A 3 -14.36 -2.82 -19.00
CA MET A 3 -14.26 -4.26 -18.72
C MET A 3 -15.64 -4.87 -18.53
N GLY A 4 -16.68 -4.02 -18.65
CA GLY A 4 -18.09 -4.40 -18.41
C GLY A 4 -18.56 -5.57 -19.28
N SER A 5 -18.04 -5.71 -20.52
CA SER A 5 -18.42 -6.88 -21.32
C SER A 5 -17.57 -8.15 -21.17
N MET A 6 -16.49 -8.14 -20.36
CA MET A 6 -15.68 -9.33 -20.19
C MET A 6 -16.12 -10.18 -19.03
N GLU A 7 -16.19 -11.50 -19.23
CA GLU A 7 -16.39 -12.43 -18.08
C GLU A 7 -15.52 -12.21 -16.86
N ARG A 8 -16.13 -12.30 -15.65
CA ARG A 8 -15.32 -12.19 -14.40
C ARG A 8 -14.15 -13.21 -14.44
N ALA A 9 -14.40 -14.46 -14.82
CA ALA A 9 -13.27 -15.41 -14.76
C ALA A 9 -12.21 -15.04 -15.84
N SER A 10 -12.68 -14.48 -16.98
CA SER A 10 -11.73 -14.03 -18.01
C SER A 10 -10.87 -12.82 -17.52
N LEU A 11 -11.46 -11.88 -16.78
CA LEU A 11 -10.65 -10.81 -16.12
C LEU A 11 -9.56 -11.37 -15.16
N ILE A 12 -9.91 -12.29 -14.28
CA ILE A 12 -8.94 -12.89 -13.35
C ILE A 12 -7.87 -13.64 -14.14
N GLN A 13 -8.30 -14.44 -15.12
CA GLN A 13 -7.32 -15.13 -15.95
C GLN A 13 -6.32 -14.14 -16.63
N LYS A 14 -6.85 -13.02 -17.13
CA LYS A 14 -5.99 -12.04 -17.87
C LYS A 14 -5.10 -11.27 -16.91
N ALA A 15 -5.60 -11.03 -15.69
CA ALA A 15 -4.77 -10.36 -14.70
C ALA A 15 -3.55 -11.23 -14.35
N LYS A 16 -3.74 -12.55 -14.27
CA LYS A 16 -2.61 -13.45 -13.99
C LYS A 16 -1.63 -13.51 -15.17
N LEU A 17 -2.11 -13.43 -16.41
CA LEU A 17 -1.26 -13.32 -17.59
C LEU A 17 -0.47 -12.02 -17.54
N ALA A 18 -1.14 -10.92 -17.21
CA ALA A 18 -0.54 -9.60 -17.19
C ALA A 18 0.53 -9.58 -16.08
N GLU A 19 0.28 -10.27 -14.94
CA GLU A 19 1.29 -10.37 -13.89
C GLU A 19 2.58 -11.08 -14.43
N GLN A 20 2.38 -12.14 -15.17
CA GLN A 20 3.53 -12.89 -15.67
C GLN A 20 4.26 -12.10 -16.71
N ALA A 21 3.57 -11.20 -17.42
CA ALA A 21 4.20 -10.40 -18.41
C ALA A 21 4.70 -9.06 -17.80
N GLU A 22 4.59 -8.91 -16.47
CA GLU A 22 4.88 -7.62 -15.81
C GLU A 22 4.17 -6.44 -16.46
N ARG A 23 2.94 -6.66 -16.91
CA ARG A 23 2.13 -5.58 -17.48
C ARG A 23 1.17 -5.06 -16.38
N TYR A 24 1.67 -4.22 -15.46
CA TYR A 24 0.88 -3.96 -14.21
C TYR A 24 -0.31 -3.05 -14.42
N GLU A 25 -0.19 -2.16 -15.40
CA GLU A 25 -1.32 -1.30 -15.69
C GLU A 25 -2.48 -2.12 -16.26
N ASP A 26 -2.20 -3.03 -17.19
CA ASP A 26 -3.26 -3.94 -17.69
C ASP A 26 -3.81 -4.80 -16.51
N MET A 27 -2.87 -5.30 -15.68
CA MET A 27 -3.23 -6.08 -14.53
C MET A 27 -4.22 -5.32 -13.59
N ALA A 28 -3.90 -4.06 -13.30
CA ALA A 28 -4.78 -3.22 -12.50
C ALA A 28 -6.13 -2.99 -13.16
N ALA A 29 -6.18 -2.80 -14.47
CA ALA A 29 -7.45 -2.59 -15.14
C ALA A 29 -8.29 -3.85 -15.18
N PHE A 30 -7.67 -5.01 -15.42
CA PHE A 30 -8.42 -6.27 -15.34
C PHE A 30 -9.02 -6.47 -13.94
N MET A 31 -8.19 -6.28 -12.92
CA MET A 31 -8.69 -6.44 -11.52
C MET A 31 -9.77 -5.38 -11.11
N LYS A 32 -9.68 -4.16 -11.63
CA LYS A 32 -10.71 -3.17 -11.40
C LYS A 32 -12.00 -3.70 -12.07
N GLY A 33 -11.88 -4.24 -13.30
CA GLY A 33 -13.05 -4.84 -13.95
C GLY A 33 -13.69 -5.92 -13.10
N ALA A 34 -12.83 -6.78 -12.54
CA ALA A 34 -13.27 -7.92 -11.75
C ALA A 34 -13.99 -7.42 -10.49
N VAL A 35 -13.40 -6.44 -9.77
CA VAL A 35 -14.04 -5.84 -8.58
C VAL A 35 -15.42 -5.32 -8.97
N GLU A 36 -15.50 -4.62 -10.11
CA GLU A 36 -16.75 -3.97 -10.51
C GLU A 36 -17.89 -4.92 -10.92
N LYS A 37 -17.60 -6.22 -11.02
CA LYS A 37 -18.67 -7.23 -11.12
C LYS A 37 -19.52 -7.32 -9.87
N GLY A 38 -19.04 -6.76 -8.75
CA GLY A 38 -19.90 -6.68 -7.58
C GLY A 38 -19.83 -7.91 -6.69
N GLU A 39 -19.13 -8.99 -7.06
CA GLU A 39 -18.86 -10.09 -6.11
C GLU A 39 -17.61 -9.88 -5.18
N GLU A 40 -17.60 -10.51 -4.00
CA GLU A 40 -16.40 -10.46 -3.18
C GLU A 40 -15.19 -11.08 -3.95
N LEU A 41 -13.95 -10.75 -3.55
CA LEU A 41 -12.78 -11.37 -4.15
C LEU A 41 -12.32 -12.45 -3.17
N SER A 42 -11.84 -13.55 -3.71
CA SER A 42 -11.18 -14.59 -2.91
C SER A 42 -9.80 -14.11 -2.43
N CYS A 43 -9.14 -14.93 -1.61
CA CYS A 43 -7.83 -14.57 -1.04
C CYS A 43 -6.85 -14.35 -2.22
N GLU A 44 -6.84 -15.28 -3.19
CA GLU A 44 -5.91 -15.16 -4.32
C GLU A 44 -6.17 -13.89 -5.19
N GLU A 45 -7.44 -13.60 -5.42
CA GLU A 45 -7.88 -12.42 -6.16
C GLU A 45 -7.50 -11.12 -5.43
N ARG A 46 -7.63 -11.12 -4.11
CA ARG A 46 -7.22 -9.92 -3.36
C ARG A 46 -5.75 -9.61 -3.63
N ASN A 47 -4.92 -10.67 -3.58
CA ASN A 47 -3.51 -10.53 -3.82
C ASN A 47 -3.25 -9.94 -5.19
N LEU A 48 -3.93 -10.41 -6.25
CA LEU A 48 -3.78 -9.84 -7.61
C LEU A 48 -4.09 -8.36 -7.68
N LEU A 49 -5.16 -7.97 -7.00
CA LEU A 49 -5.58 -6.57 -6.99
C LEU A 49 -4.46 -5.68 -6.37
N SER A 50 -3.94 -6.12 -5.21
CA SER A 50 -3.07 -5.29 -4.41
C SER A 50 -1.73 -5.22 -5.07
N VAL A 51 -1.26 -6.32 -5.67
CA VAL A 51 0.03 -6.36 -6.37
C VAL A 51 0.01 -5.45 -7.61
N ALA A 52 -1.13 -5.48 -8.32
CA ALA A 52 -1.24 -4.73 -9.58
C ALA A 52 -1.10 -3.23 -9.23
N TYR A 53 -1.97 -2.74 -8.36
CA TYR A 53 -1.85 -1.32 -7.98
C TYR A 53 -0.58 -0.90 -7.23
N LYS A 54 -0.04 -1.77 -6.35
CA LYS A 54 1.23 -1.47 -5.68
C LYS A 54 2.29 -1.21 -6.71
N ASN A 55 2.35 -2.02 -7.77
CA ASN A 55 3.30 -1.82 -8.77
C ASN A 55 3.04 -0.58 -9.63
N VAL A 56 1.80 -0.32 -10.04
CA VAL A 56 1.54 0.87 -10.83
C VAL A 56 1.94 2.10 -9.99
N VAL A 57 1.44 2.22 -8.76
CA VAL A 57 1.68 3.44 -7.99
C VAL A 57 3.15 3.43 -7.56
N GLY A 58 3.76 2.24 -7.40
CA GLY A 58 5.21 2.22 -7.04
C GLY A 58 6.08 2.93 -8.10
N GLY A 59 5.87 2.63 -9.39
CA GLY A 59 6.58 3.37 -10.46
C GLY A 59 6.24 4.88 -10.51
N GLN A 60 4.97 5.25 -10.22
CA GLN A 60 4.66 6.68 -10.19
C GLN A 60 5.40 7.42 -9.06
N ARG A 61 5.51 6.74 -7.92
CA ARG A 61 6.14 7.32 -6.73
C ARG A 61 7.63 7.48 -6.98
N ALA A 62 8.26 6.44 -7.53
CA ALA A 62 9.68 6.52 -7.91
C ALA A 62 9.87 7.67 -8.90
N ALA A 63 8.99 7.81 -9.92
CA ALA A 63 9.21 8.91 -10.86
C ALA A 63 9.00 10.28 -10.13
N TRP A 64 7.91 10.39 -9.36
CA TRP A 64 7.65 11.61 -8.60
C TRP A 64 8.81 12.03 -7.72
N ARG A 65 9.48 11.05 -7.08
CA ARG A 65 10.61 11.41 -6.22
C ARG A 65 11.80 11.88 -7.05
N VAL A 66 12.11 11.23 -8.19
CA VAL A 66 13.16 11.80 -9.08
C VAL A 66 12.82 13.27 -9.40
N LEU A 67 11.60 13.53 -9.88
CA LEU A 67 11.25 14.89 -10.31
C LEU A 67 11.24 15.93 -9.15
N SER A 68 10.69 15.52 -8.02
CA SER A 68 10.62 16.39 -6.86
C SER A 68 12.01 16.77 -6.35
N SER A 69 12.90 15.79 -6.40
CA SER A 69 14.30 16.02 -6.05
C SER A 69 14.93 17.04 -7.02
N ILE A 70 14.73 16.85 -8.32
CA ILE A 70 15.23 17.84 -9.33
C ILE A 70 14.69 19.25 -9.02
N GLU A 71 13.40 19.28 -8.73
CA GLU A 71 12.68 20.49 -8.48
C GLU A 71 13.26 21.22 -7.23
N GLN A 72 13.40 20.49 -6.11
CA GLN A 72 14.00 21.09 -4.88
C GLN A 72 15.41 21.60 -5.20
N LYS A 73 16.24 20.82 -5.91
CA LYS A 73 17.56 21.32 -6.36
C LYS A 73 17.46 22.66 -7.10
N SER A 74 16.49 22.82 -7.98
CA SER A 74 16.38 24.08 -8.75
C SER A 74 15.91 25.27 -7.90
N ASN A 75 15.44 25.01 -6.67
CA ASN A 75 15.13 26.04 -5.67
C ASN A 75 16.23 26.33 -4.64
N GLU A 76 17.45 25.86 -4.86
CA GLU A 76 18.54 26.18 -3.93
C GLU A 76 19.24 27.48 -4.34
N GLU A 77 19.92 28.12 -3.38
CA GLU A 77 20.64 29.40 -3.57
C GLU A 77 21.69 29.18 -4.67
N GLY A 78 21.66 29.98 -5.74
CA GLY A 78 22.64 29.84 -6.83
C GLY A 78 22.33 28.79 -7.92
N SER A 79 21.16 28.16 -7.83
CA SER A 79 20.69 27.24 -8.90
C SER A 79 20.15 28.07 -10.04
N GLU A 80 20.49 27.73 -11.28
CA GLU A 80 19.94 28.48 -12.43
C GLU A 80 18.41 28.28 -12.56
N GLU A 81 17.70 29.39 -12.79
CA GLU A 81 16.26 29.42 -12.99
C GLU A 81 15.87 28.71 -14.30
N LYS A 82 15.37 27.49 -14.21
CA LYS A 82 15.09 26.71 -15.44
C LYS A 82 13.70 26.88 -16.09
N GLY A 83 12.85 27.79 -15.57
CA GLY A 83 11.46 27.96 -16.03
C GLY A 83 10.46 27.03 -15.36
N PRO A 84 9.23 26.99 -15.88
CA PRO A 84 8.14 26.27 -15.24
C PRO A 84 8.16 24.74 -15.51
N GLU A 85 9.08 24.25 -16.35
CA GLU A 85 8.96 22.88 -16.84
C GLU A 85 9.04 21.78 -15.78
N VAL A 86 9.96 21.93 -14.83
CA VAL A 86 10.14 20.88 -13.85
C VAL A 86 8.89 20.81 -12.98
N ARG A 87 8.40 21.94 -12.48
CA ARG A 87 7.17 21.93 -11.68
C ARG A 87 6.02 21.37 -12.48
N GLU A 88 5.87 21.80 -13.73
CA GLU A 88 4.78 21.30 -14.57
C GLU A 88 4.87 19.78 -14.71
N TYR A 89 6.05 19.24 -14.98
CA TYR A 89 6.12 17.83 -15.26
C TYR A 89 5.97 17.02 -13.93
N ARG A 90 6.52 17.55 -12.83
CA ARG A 90 6.26 16.98 -11.51
C ARG A 90 4.76 16.94 -11.17
N GLU A 91 4.03 18.03 -11.39
CA GLU A 91 2.56 18.08 -11.19
C GLU A 91 1.82 17.15 -12.07
N LYS A 92 2.28 16.95 -13.30
CA LYS A 92 1.61 15.99 -14.20
C LYS A 92 1.70 14.57 -13.57
N VAL A 93 2.92 14.14 -13.22
CA VAL A 93 3.11 12.79 -12.66
C VAL A 93 2.29 12.71 -11.36
N GLU A 94 2.31 13.79 -10.59
CA GLU A 94 1.67 13.78 -9.28
C GLU A 94 0.16 13.62 -9.42
N THR A 95 -0.42 14.33 -10.37
CA THR A 95 -1.86 14.23 -10.57
C THR A 95 -2.26 12.84 -11.15
N GLU A 96 -1.42 12.25 -12.01
CA GLU A 96 -1.69 10.89 -12.44
C GLU A 96 -1.60 9.89 -11.20
N LEU A 97 -0.60 10.09 -10.35
CA LEU A 97 -0.46 9.29 -9.12
C LEU A 97 -1.72 9.42 -8.24
N GLN A 98 -2.16 10.67 -8.03
CA GLN A 98 -3.33 10.92 -7.19
C GLN A 98 -4.56 10.27 -7.81
N GLY A 99 -4.69 10.28 -9.12
CA GLY A 99 -5.90 9.66 -9.72
C GLY A 99 -5.90 8.12 -9.54
N VAL A 100 -4.73 7.53 -9.59
CA VAL A 100 -4.67 6.10 -9.32
C VAL A 100 -5.01 5.82 -7.85
N CYS A 101 -4.51 6.64 -6.92
CA CYS A 101 -4.89 6.44 -5.52
C CYS A 101 -6.36 6.65 -5.33
N ASP A 102 -6.94 7.63 -6.02
CA ASP A 102 -8.42 7.86 -5.90
C ASP A 102 -9.18 6.69 -6.50
N THR A 103 -8.70 6.14 -7.61
CA THR A 103 -9.36 4.96 -8.16
C THR A 103 -9.35 3.77 -7.19
N VAL A 104 -8.20 3.49 -6.53
CA VAL A 104 -8.12 2.33 -5.60
C VAL A 104 -9.10 2.57 -4.43
N LEU A 105 -9.03 3.78 -3.85
CA LEU A 105 -9.89 4.14 -2.71
C LEU A 105 -11.38 4.05 -3.06
N GLY A 106 -11.74 4.48 -4.27
CA GLY A 106 -13.14 4.35 -4.71
C GLY A 106 -13.54 2.88 -4.79
N LEU A 107 -12.62 1.99 -5.19
CA LEU A 107 -12.91 0.56 -5.22
C LEU A 107 -13.09 0.01 -3.78
N LEU A 108 -12.18 0.45 -2.88
CA LEU A 108 -12.30 0.02 -1.49
C LEU A 108 -13.63 0.48 -0.93
N ASP A 109 -13.97 1.73 -1.18
CA ASP A 109 -15.22 2.30 -0.71
C ASP A 109 -16.51 1.78 -1.40
N SER A 110 -16.41 1.31 -2.65
CA SER A 110 -17.54 0.77 -3.44
C SER A 110 -17.27 -0.62 -4.13
N HIS A 111 -17.39 -1.74 -3.41
CA HIS A 111 -17.94 -1.87 -2.07
C HIS A 111 -17.13 -2.97 -1.32
N LEU A 112 -15.83 -3.06 -1.64
CA LEU A 112 -14.99 -4.02 -0.97
C LEU A 112 -14.98 -4.00 0.59
N ILE A 113 -14.75 -2.85 1.20
CA ILE A 113 -14.63 -2.83 2.71
C ILE A 113 -16.01 -3.17 3.31
N LYS A 114 -17.06 -2.52 2.80
CA LYS A 114 -18.35 -2.73 3.45
C LYS A 114 -18.85 -4.22 3.40
N GLU A 115 -18.60 -4.98 2.33
CA GLU A 115 -19.00 -6.38 2.19
C GLU A 115 -18.02 -7.41 2.82
N ALA A 116 -16.81 -6.96 3.22
CA ALA A 116 -15.74 -7.78 3.83
C ALA A 116 -16.11 -8.06 5.28
N GLY A 117 -16.65 -9.25 5.56
CA GLY A 117 -16.88 -9.72 6.94
C GLY A 117 -15.83 -10.59 7.61
N ASP A 118 -15.05 -11.39 6.89
CA ASP A 118 -13.96 -12.12 7.58
C ASP A 118 -12.79 -11.20 7.88
N ALA A 119 -12.12 -11.43 9.01
CA ALA A 119 -10.97 -10.65 9.42
C ALA A 119 -9.91 -10.47 8.31
N GLU A 120 -9.51 -11.55 7.61
CA GLU A 120 -8.42 -11.53 6.63
C GLU A 120 -8.78 -10.60 5.48
N SER A 121 -10.02 -10.63 5.00
CA SER A 121 -10.40 -9.71 3.91
C SER A 121 -10.58 -8.31 4.50
N ARG A 122 -11.18 -8.16 5.69
CA ARG A 122 -11.38 -6.82 6.20
C ARG A 122 -10.08 -6.04 6.50
N VAL A 123 -9.14 -6.74 7.12
CA VAL A 123 -7.88 -6.20 7.47
C VAL A 123 -7.09 -5.83 6.18
N PHE A 124 -7.11 -6.75 5.21
CA PHE A 124 -6.44 -6.59 3.96
C PHE A 124 -6.91 -5.28 3.29
N TYR A 125 -8.24 -5.12 3.13
CA TYR A 125 -8.76 -3.90 2.47
C TYR A 125 -8.47 -2.64 3.29
N LEU A 126 -8.55 -2.72 4.63
CA LEU A 126 -8.19 -1.53 5.45
C LEU A 126 -6.71 -1.19 5.35
N LYS A 127 -5.83 -2.20 5.33
CA LYS A 127 -4.45 -1.92 5.06
C LYS A 127 -4.24 -1.14 3.72
N MET A 128 -4.82 -1.67 2.61
CA MET A 128 -4.74 -1.03 1.29
C MET A 128 -5.23 0.44 1.45
N LYS A 129 -6.33 0.61 2.15
CA LYS A 129 -6.89 1.96 2.32
C LYS A 129 -5.86 2.86 3.03
N GLY A 130 -5.25 2.37 4.11
CA GLY A 130 -4.16 3.08 4.77
C GLY A 130 -3.00 3.42 3.80
N ASP A 131 -2.60 2.45 2.96
CA ASP A 131 -1.43 2.64 2.07
C ASP A 131 -1.70 3.73 1.03
N TYR A 132 -2.88 3.68 0.44
CA TYR A 132 -3.24 4.65 -0.63
C TYR A 132 -3.41 6.04 -0.07
N TYR A 133 -4.05 6.18 1.11
CA TYR A 133 -4.02 7.50 1.74
C TYR A 133 -2.54 7.95 2.05
N ARG A 134 -1.68 7.01 2.47
CA ARG A 134 -0.30 7.29 2.74
C ARG A 134 0.40 7.82 1.47
N TYR A 135 0.12 7.19 0.32
CA TYR A 135 0.74 7.63 -0.92
C TYR A 135 0.30 9.02 -1.24
N LEU A 136 -0.98 9.30 -1.01
CA LEU A 136 -1.48 10.65 -1.17
C LEU A 136 -0.81 11.64 -0.19
N ALA A 137 -0.59 11.21 1.05
CA ALA A 137 0.10 12.08 2.04
C ALA A 137 1.52 12.39 1.58
N GLU A 138 2.19 11.46 0.92
CA GLU A 138 3.56 11.71 0.49
C GLU A 138 3.67 12.90 -0.44
N VAL A 139 2.62 13.20 -1.18
CA VAL A 139 2.70 14.30 -2.14
C VAL A 139 1.88 15.49 -1.67
N ALA A 140 1.16 15.33 -0.56
CA ALA A 140 0.19 16.35 -0.13
C ALA A 140 0.93 17.58 0.43
N THR A 141 0.39 18.75 0.19
CA THR A 141 1.16 19.99 0.30
C THR A 141 0.38 21.14 0.83
N GLY A 142 -0.94 21.11 0.63
CA GLY A 142 -1.81 22.18 1.05
C GLY A 142 -2.62 21.79 2.26
N ASP A 143 -3.85 22.34 2.30
CA ASP A 143 -4.80 22.18 3.43
C ASP A 143 -5.11 20.74 3.79
N ASP A 144 -5.04 19.89 2.78
CA ASP A 144 -5.58 18.57 2.86
C ASP A 144 -4.63 17.63 3.62
N LYS A 145 -3.38 18.03 3.68
CA LYS A 145 -2.29 17.22 4.19
C LYS A 145 -2.68 16.57 5.56
N LYS A 146 -3.08 17.39 6.53
CA LYS A 146 -3.50 16.85 7.84
C LYS A 146 -4.61 15.82 7.73
N ARG A 147 -5.65 16.12 6.93
CA ARG A 147 -6.81 15.24 6.84
C ARG A 147 -6.49 13.88 6.18
N ILE A 148 -5.63 13.93 5.18
CA ILE A 148 -5.20 12.75 4.45
C ILE A 148 -4.39 11.81 5.40
N ILE A 149 -3.46 12.41 6.15
CA ILE A 149 -2.61 11.70 7.13
C ILE A 149 -3.55 11.06 8.15
N ASP A 150 -4.50 11.84 8.67
CA ASP A 150 -5.49 11.21 9.53
C ASP A 150 -6.36 10.07 8.88
N SER A 151 -6.77 10.19 7.63
CA SER A 151 -7.51 9.06 7.00
C SER A 151 -6.63 7.85 6.90
N ALA A 152 -5.34 8.06 6.64
CA ALA A 152 -4.43 6.96 6.64
C ALA A 152 -4.37 6.35 8.04
N ARG A 153 -4.06 7.14 9.04
CA ARG A 153 -3.89 6.61 10.39
C ARG A 153 -5.19 5.91 10.81
N SER A 154 -6.32 6.53 10.53
CA SER A 154 -7.57 5.94 10.95
C SER A 154 -7.85 4.56 10.31
N ALA A 155 -7.59 4.43 9.01
CA ALA A 155 -7.73 3.14 8.34
C ALA A 155 -6.75 2.07 8.91
N TYR A 156 -5.46 2.45 9.07
CA TYR A 156 -4.46 1.54 9.63
C TYR A 156 -4.82 1.07 11.04
N GLN A 157 -5.37 1.99 11.82
CA GLN A 157 -5.67 1.71 13.24
C GLN A 157 -6.82 0.72 13.35
N GLU A 158 -7.87 0.94 12.57
CA GLU A 158 -9.01 0.02 12.53
C GLU A 158 -8.52 -1.39 12.07
N ALA A 159 -7.62 -1.43 11.04
CA ALA A 159 -7.08 -2.74 10.60
C ALA A 159 -6.26 -3.38 11.75
N MET A 160 -5.49 -2.57 12.50
CA MET A 160 -4.71 -3.09 13.62
C MET A 160 -5.60 -3.66 14.72
N ASP A 161 -6.64 -2.92 15.08
CA ASP A 161 -7.51 -3.42 16.18
C ASP A 161 -8.09 -4.78 15.77
N ILE A 162 -8.61 -4.90 14.54
CA ILE A 162 -9.14 -6.21 14.06
C ILE A 162 -8.07 -7.30 13.97
N SER A 163 -6.91 -6.96 13.40
CA SER A 163 -5.86 -7.96 13.29
C SER A 163 -5.41 -8.49 14.67
N LYS A 164 -5.29 -7.62 15.65
CA LYS A 164 -4.99 -8.03 17.00
C LYS A 164 -6.06 -8.90 17.65
N LYS A 165 -7.33 -8.66 17.35
CA LYS A 165 -8.37 -9.50 17.89
C LYS A 165 -8.49 -10.83 17.16
N GLU A 166 -8.30 -10.84 15.84
CA GLU A 166 -8.72 -12.01 15.06
C GLU A 166 -7.63 -12.84 14.43
N MET A 167 -6.38 -12.39 14.47
CA MET A 167 -5.33 -13.12 13.76
C MET A 167 -4.10 -13.38 14.62
N PRO A 168 -3.48 -14.54 14.40
CA PRO A 168 -2.21 -14.86 15.12
C PRO A 168 -1.09 -13.89 14.72
N PRO A 169 -0.08 -13.75 15.59
CA PRO A 169 0.92 -12.71 15.38
C PRO A 169 1.76 -12.93 14.13
N THR A 170 1.78 -14.17 13.60
CA THR A 170 2.56 -14.50 12.44
C THR A 170 1.74 -14.46 11.17
N ASN A 171 0.46 -14.13 11.24
CA ASN A 171 -0.35 -13.95 10.02
CA ASN A 171 -0.35 -13.96 10.03
C ASN A 171 0.28 -12.92 9.08
N PRO A 172 0.55 -13.30 7.77
CA PRO A 172 1.30 -12.38 6.89
C PRO A 172 0.64 -11.01 6.63
N ILE A 173 -0.70 -10.98 6.63
CA ILE A 173 -1.46 -9.73 6.50
C ILE A 173 -1.30 -8.91 7.78
N ARG A 174 -1.48 -9.52 8.95
CA ARG A 174 -1.21 -8.82 10.18
C ARG A 174 0.21 -8.29 10.23
N LEU A 175 1.17 -9.08 9.78
CA LEU A 175 2.56 -8.62 9.81
C LEU A 175 2.81 -7.48 8.80
N GLY A 176 2.28 -7.64 7.58
CA GLY A 176 2.51 -6.58 6.55
C GLY A 176 1.84 -5.25 6.93
N LEU A 177 0.68 -5.32 7.56
CA LEU A 177 0.01 -4.10 8.08
C LEU A 177 0.90 -3.39 9.12
N ALA A 178 1.42 -4.16 10.06
CA ALA A 178 2.28 -3.56 11.10
C ALA A 178 3.54 -2.93 10.47
N LEU A 179 4.20 -3.66 9.57
CA LEU A 179 5.33 -3.11 8.77
C LEU A 179 4.94 -1.77 8.20
N ASN A 180 3.80 -1.73 7.47
CA ASN A 180 3.46 -0.50 6.76
C ASN A 180 3.00 0.66 7.65
N PHE A 181 2.21 0.33 8.70
CA PHE A 181 1.76 1.35 9.68
C PHE A 181 3.00 1.92 10.35
N SER A 182 3.93 1.02 10.63
CA SER A 182 5.19 1.45 11.31
C SER A 182 5.95 2.45 10.39
N VAL A 183 6.02 2.16 9.08
CA VAL A 183 6.61 3.16 8.09
C VAL A 183 5.85 4.50 7.99
N PHE A 184 4.54 4.40 8.13
CA PHE A 184 3.68 5.56 8.20
C PHE A 184 4.13 6.39 9.38
N HIS A 185 4.22 5.79 10.56
CA HIS A 185 4.69 6.56 11.74
C HIS A 185 6.01 7.24 11.48
N TYR A 186 6.93 6.52 10.85
CA TYR A 186 8.30 7.05 10.72
C TYR A 186 8.36 8.18 9.68
N GLU A 187 7.71 7.97 8.53
CA GLU A 187 7.99 8.81 7.32
C GLU A 187 6.92 9.84 7.10
N ILE A 188 5.73 9.59 7.64
CA ILE A 188 4.61 10.50 7.41
C ILE A 188 4.18 11.26 8.68
N ALA A 189 4.09 10.56 9.82
CA ALA A 189 3.43 11.12 11.03
C ALA A 189 4.46 11.73 11.92
N ASN A 190 5.72 11.73 11.49
CA ASN A 190 6.78 12.35 12.29
C ASN A 190 6.83 11.69 13.70
N SER A 191 6.68 10.35 13.77
CA SER A 191 6.64 9.64 15.11
C SER A 191 7.61 8.46 15.02
N PRO A 192 8.93 8.73 14.85
CA PRO A 192 9.94 7.65 14.75
C PRO A 192 9.89 6.70 15.99
N GLU A 193 9.54 7.23 17.15
CA GLU A 193 9.49 6.34 18.33
C GLU A 193 8.37 5.30 18.26
N GLU A 194 7.19 5.75 17.83
CA GLU A 194 6.02 4.89 17.66
C GLU A 194 6.41 3.88 16.58
N ALA A 195 7.02 4.36 15.47
CA ALA A 195 7.45 3.43 14.40
C ALA A 195 8.30 2.28 14.90
N ILE A 196 9.30 2.62 15.71
CA ILE A 196 10.31 1.65 16.22
C ILE A 196 9.64 0.66 17.22
N SER A 197 8.87 1.22 18.13
CA SER A 197 8.10 0.42 19.11
C SER A 197 7.11 -0.59 18.43
N LEU A 198 6.41 -0.13 17.41
CA LEU A 198 5.55 -1.00 16.69
C LEU A 198 6.36 -2.12 15.95
N ALA A 199 7.44 -1.79 15.26
CA ALA A 199 8.11 -2.86 14.49
C ALA A 199 8.72 -3.90 15.46
N LYS A 200 9.27 -3.41 16.57
CA LYS A 200 9.89 -4.28 17.60
C LYS A 200 8.90 -5.26 18.23
N THR A 201 7.78 -4.75 18.71
CA THR A 201 6.84 -5.61 19.40
C THR A 201 6.17 -6.54 18.38
N THR A 202 5.83 -6.00 17.21
CA THR A 202 5.47 -6.88 16.08
C THR A 202 6.47 -8.02 15.83
N PHE A 203 7.75 -7.69 15.73
CA PHE A 203 8.76 -8.71 15.39
C PHE A 203 8.77 -9.73 16.54
N ASP A 204 8.88 -9.25 17.77
CA ASP A 204 9.00 -10.12 18.98
C ASP A 204 7.77 -11.02 19.15
N GLU A 205 6.56 -10.53 18.94
CA GLU A 205 5.40 -11.38 19.14
C GLU A 205 5.28 -12.46 18.06
N ALA A 206 5.73 -12.14 16.86
CA ALA A 206 5.73 -13.09 15.76
C ALA A 206 6.82 -14.16 16.04
N MET A 207 8.02 -13.75 16.46
CA MET A 207 9.07 -14.73 16.88
C MET A 207 8.55 -15.86 17.80
N ALA A 208 7.87 -15.42 18.85
CA ALA A 208 7.32 -16.26 19.89
C ALA A 208 6.18 -17.15 19.39
N ASP A 209 5.66 -16.87 18.19
CA ASP A 209 4.54 -17.65 17.59
C ASP A 209 5.03 -18.56 16.46
N LEU A 210 6.32 -18.49 16.11
CA LEU A 210 6.81 -19.36 15.04
C LEU A 210 6.65 -20.84 15.34
N HIS A 211 6.66 -21.19 16.63
CA HIS A 211 6.69 -22.63 16.96
C HIS A 211 5.36 -23.34 16.60
N THR A 212 4.30 -22.56 16.42
CA THR A 212 2.99 -23.13 16.09
C THR A 212 2.86 -23.44 14.60
N LEU A 213 3.80 -22.96 13.79
CA LEU A 213 3.74 -23.02 12.30
C LEU A 213 4.41 -24.24 11.69
N SER A 214 3.77 -24.78 10.63
CA SER A 214 4.39 -25.69 9.66
C SER A 214 5.51 -25.02 8.87
N GLU A 215 6.44 -25.88 8.46
CA GLU A 215 7.80 -25.49 8.17
C GLU A 215 8.08 -25.86 6.73
N ASP A 216 7.63 -25.05 5.76
CA ASP A 216 7.10 -23.71 5.94
C ASP A 216 5.93 -23.51 4.97
N SER A 217 4.77 -23.24 5.51
CA SER A 217 3.74 -22.67 4.69
C SER A 217 3.74 -21.18 5.02
N TYR A 218 4.88 -20.67 5.49
CA TYR A 218 4.91 -19.27 6.02
C TYR A 218 6.06 -18.41 5.47
N LYS A 219 6.44 -18.65 4.23
CA LYS A 219 7.50 -17.94 3.54
C LYS A 219 7.21 -16.43 3.48
N ASP A 220 5.98 -16.07 3.18
CA ASP A 220 5.60 -14.65 3.19
C ASP A 220 5.86 -14.06 4.61
N SER A 221 5.46 -14.76 5.69
CA SER A 221 5.68 -14.26 7.07
C SER A 221 7.17 -14.08 7.42
N THR A 222 7.96 -15.07 6.99
CA THR A 222 9.42 -15.01 7.20
C THR A 222 9.98 -13.76 6.56
N LEU A 223 9.59 -13.52 5.30
CA LEU A 223 10.06 -12.41 4.50
C LEU A 223 9.69 -11.10 5.20
N ILE A 224 8.48 -10.99 5.70
CA ILE A 224 8.01 -9.74 6.32
C ILE A 224 8.73 -9.49 7.63
N MET A 225 8.98 -10.55 8.42
CA MET A 225 9.73 -10.36 9.71
C MET A 225 11.12 -9.82 9.40
N GLN A 226 11.67 -10.28 8.28
CA GLN A 226 12.96 -9.76 7.84
C GLN A 226 12.90 -8.28 7.48
N LEU A 227 11.79 -7.85 6.86
CA LEU A 227 11.70 -6.43 6.50
C LEU A 227 11.49 -5.57 7.76
N LEU A 228 10.83 -6.12 8.76
CA LEU A 228 10.70 -5.44 10.05
C LEU A 228 12.10 -5.25 10.65
N ARG A 229 12.90 -6.31 10.61
CA ARG A 229 14.25 -6.23 11.09
C ARG A 229 15.13 -5.25 10.30
N ASP A 230 15.01 -5.25 8.97
CA ASP A 230 15.77 -4.31 8.16
C ASP A 230 15.36 -2.91 8.52
N ASN A 231 14.04 -2.63 8.60
CA ASN A 231 13.61 -1.27 9.04
C ASN A 231 14.19 -0.88 10.40
N LEU A 232 14.12 -1.79 11.38
CA LEU A 232 14.69 -1.54 12.75
C LEU A 232 16.19 -1.21 12.71
N THR A 233 16.92 -1.94 11.89
CA THR A 233 18.37 -1.68 11.59
C THR A 233 18.61 -0.32 10.91
N LEU A 234 17.78 0.07 9.94
CA LEU A 234 17.88 1.44 9.41
C LEU A 234 17.61 2.48 10.49
N TRP A 235 16.69 2.17 11.37
CA TRP A 235 16.25 3.22 12.24
C TRP A 235 16.95 3.29 13.52
N THR A 236 17.68 2.27 13.92
CA THR A 236 18.29 2.31 15.27
C THR A 236 19.78 2.20 15.07
N PHE B 7 15.15 4.87 2.15
CA PHE B 7 13.74 4.37 2.05
C PHE B 7 13.54 3.03 2.74
N PRO B 8 12.51 2.95 3.58
CA PRO B 8 12.27 1.74 4.35
C PRO B 8 11.35 0.81 3.60
N ALA B 9 11.35 -0.45 3.96
CA ALA B 9 10.55 -1.39 3.29
C ALA B 9 9.11 -1.40 3.76
N VAL B 11 5.27 -3.42 2.23
CA VAL B 11 4.76 -4.60 1.54
C VAL B 11 3.32 -4.41 1.02
#